data_6L8M
#
_entry.id   6L8M
#
_entity_poly.entity_id   1
_entity_poly.type   'polydeoxyribonucleotide'
_entity_poly.pdbx_seq_one_letter_code
;(DG)(DG)(DG)(DT)(DC)(DA)(DC)(DC)(DG)(DG)(DG)(DC)(DA)(DG)(DT)(DG)(DG)(DG)(DC)(DG)
(DG)(DG)
;
_entity_poly.pdbx_strand_id   A
#